data_1I49
#
_entry.id   1I49
#
_cell.length_a   146.334
_cell.length_b   146.334
_cell.length_c   82.732
_cell.angle_alpha   90.00
_cell.angle_beta   90.00
_cell.angle_gamma   120.00
#
_symmetry.space_group_name_H-M   'P 32 2 1'
#
loop_
_entity.id
_entity.type
_entity.pdbx_description
1 polymer 'ARFAPTIN 2'
2 water water
#
_entity_poly.entity_id   1
_entity_poly.type   'polypeptide(L)'
_entity_poly.pdbx_seq_one_letter_code
;GSRTVDLELELQIELLRETKRKYESVLQLGRALTAHLYSLLQTQHALGDAFADLSQKSPELQEEFGYNAETQKLLCKNGE
TLLGAVNFFVSSINTLVTKTMEDTLMTVKQYEAARLEYDAYRTDLEELSLGPRDAGTRGRLESAQATFQAHRDKYEKLRG
DVAIKLKFLEENKIKVMHKQLLLFHNAVSAYFAGNQKQLEQTLQQFNIKLRPPGAEKPSWLEEQ
;
_entity_poly.pdbx_strand_id   A,B
#
# COMPACT_ATOMS: atom_id res chain seq x y z
N SER A 2 -16.15 -48.91 -12.49
CA SER A 2 -15.96 -49.52 -11.13
C SER A 2 -14.54 -49.24 -10.59
N ARG A 3 -14.49 -48.58 -9.43
CA ARG A 3 -13.23 -48.24 -8.79
C ARG A 3 -13.37 -48.23 -7.27
N THR A 4 -12.41 -48.78 -6.55
CA THR A 4 -12.52 -48.76 -5.11
C THR A 4 -12.77 -47.32 -4.65
N VAL A 5 -13.84 -47.14 -3.86
CA VAL A 5 -14.26 -45.82 -3.33
C VAL A 5 -14.43 -45.83 -1.82
N ASP A 6 -14.10 -44.73 -1.16
CA ASP A 6 -14.28 -44.68 0.29
C ASP A 6 -15.03 -43.40 0.65
N LEU A 7 -16.28 -43.34 0.19
CA LEU A 7 -17.15 -42.18 0.39
C LEU A 7 -16.85 -41.30 1.58
N GLU A 8 -16.71 -41.88 2.78
CA GLU A 8 -16.41 -41.06 3.95
C GLU A 8 -15.04 -40.39 3.85
N LEU A 9 -13.98 -41.17 3.75
CA LEU A 9 -12.63 -40.62 3.63
C LEU A 9 -12.56 -39.62 2.49
N GLU A 10 -12.99 -40.05 1.30
CA GLU A 10 -12.94 -39.17 0.15
C GLU A 10 -13.55 -37.81 0.46
N LEU A 11 -14.77 -37.77 1.01
CA LEU A 11 -15.41 -36.50 1.35
C LEU A 11 -14.54 -35.76 2.36
N GLN A 12 -14.13 -36.48 3.41
CA GLN A 12 -13.26 -35.93 4.43
C GLN A 12 -12.03 -35.29 3.76
N ILE A 13 -11.43 -36.03 2.82
CA ILE A 13 -10.27 -35.57 2.06
C ILE A 13 -10.61 -34.35 1.19
N GLU A 14 -11.79 -34.37 0.57
CA GLU A 14 -12.18 -33.24 -0.27
C GLU A 14 -12.20 -31.94 0.53
N LEU A 15 -12.80 -32.00 1.71
CA LEU A 15 -12.90 -30.86 2.61
C LEU A 15 -11.53 -30.27 2.91
N LEU A 16 -10.59 -31.14 3.29
CA LEU A 16 -9.24 -30.69 3.61
C LEU A 16 -8.64 -29.95 2.43
N ARG A 17 -8.92 -30.41 1.21
CA ARG A 17 -8.38 -29.76 0.03
C ARG A 17 -8.99 -28.38 -0.21
N GLU A 18 -10.31 -28.26 -0.07
CA GLU A 18 -10.94 -26.96 -0.25
C GLU A 18 -10.48 -26.02 0.87
N THR A 19 -10.44 -26.52 2.10
CA THR A 19 -9.98 -25.69 3.19
C THR A 19 -8.60 -25.15 2.84
N LYS A 20 -7.67 -26.04 2.49
CA LYS A 20 -6.31 -25.66 2.15
C LYS A 20 -6.27 -24.60 1.04
N ARG A 21 -7.07 -24.77 0.01
CA ARG A 21 -7.06 -23.77 -1.04
C ARG A 21 -7.54 -22.42 -0.47
N LYS A 22 -8.66 -22.43 0.26
CA LYS A 22 -9.20 -21.20 0.88
C LYS A 22 -8.14 -20.55 1.77
N TYR A 23 -7.48 -21.37 2.58
CA TYR A 23 -6.46 -20.88 3.50
C TYR A 23 -5.22 -20.35 2.76
N GLU A 24 -5.04 -20.76 1.52
CA GLU A 24 -3.87 -20.28 0.80
C GLU A 24 -4.14 -18.91 0.21
N SER A 25 -5.38 -18.68 -0.21
CA SER A 25 -5.71 -17.39 -0.78
C SER A 25 -5.83 -16.37 0.36
N VAL A 26 -5.98 -16.87 1.59
CA VAL A 26 -6.04 -15.97 2.72
C VAL A 26 -4.60 -15.61 3.04
N LEU A 27 -3.71 -16.58 2.85
CA LEU A 27 -2.31 -16.36 3.10
C LEU A 27 -1.81 -15.36 2.04
N GLN A 28 -2.39 -15.43 0.84
CA GLN A 28 -2.03 -14.51 -0.22
C GLN A 28 -2.48 -13.08 0.15
N LEU A 29 -3.74 -12.94 0.57
CA LEU A 29 -4.27 -11.63 0.95
C LEU A 29 -3.52 -11.04 2.14
N GLY A 30 -3.06 -11.91 3.04
CA GLY A 30 -2.32 -11.41 4.18
C GLY A 30 -0.98 -10.83 3.77
N ARG A 31 -0.30 -11.50 2.85
CA ARG A 31 1.00 -11.01 2.40
C ARG A 31 0.84 -9.74 1.60
N ALA A 32 -0.33 -9.60 0.99
CA ALA A 32 -0.66 -8.42 0.20
C ALA A 32 -0.85 -7.33 1.23
N LEU A 33 -1.72 -7.60 2.20
CA LEU A 33 -1.98 -6.65 3.27
C LEU A 33 -0.65 -6.28 3.93
N THR A 34 0.24 -7.25 4.04
CA THR A 34 1.55 -7.00 4.65
C THR A 34 2.38 -6.04 3.80
N ALA A 35 2.45 -6.31 2.50
CA ALA A 35 3.21 -5.49 1.59
C ALA A 35 2.70 -4.05 1.57
N HIS A 36 1.38 -3.90 1.57
CA HIS A 36 0.77 -2.59 1.55
C HIS A 36 0.96 -1.79 2.83
N LEU A 37 0.87 -2.44 4.00
CA LEU A 37 1.09 -1.71 5.25
C LEU A 37 2.50 -1.17 5.29
N TYR A 38 3.43 -2.00 4.88
CA TYR A 38 4.84 -1.62 4.88
C TYR A 38 5.06 -0.44 3.96
N SER A 39 4.26 -0.37 2.90
CA SER A 39 4.38 0.74 1.94
C SER A 39 3.76 1.99 2.53
N LEU A 40 2.64 1.82 3.19
CA LEU A 40 1.96 2.93 3.81
C LEU A 40 2.82 3.46 4.94
N LEU A 41 3.52 2.56 5.63
CA LEU A 41 4.38 2.96 6.73
C LEU A 41 5.56 3.79 6.27
N GLN A 42 6.20 3.38 5.19
CA GLN A 42 7.36 4.10 4.69
C GLN A 42 6.98 5.46 4.14
N THR A 43 5.77 5.53 3.58
CA THR A 43 5.24 6.76 3.02
C THR A 43 4.81 7.71 4.12
N GLN A 44 4.39 7.17 5.25
CA GLN A 44 3.98 8.02 6.36
C GLN A 44 5.21 8.52 7.11
N HIS A 45 6.32 7.82 6.99
CA HIS A 45 7.55 8.27 7.63
C HIS A 45 8.09 9.45 6.82
N ALA A 46 8.11 9.25 5.52
CA ALA A 46 8.59 10.27 4.61
C ALA A 46 7.72 11.52 4.77
N LEU A 47 6.40 11.31 4.75
CA LEU A 47 5.45 12.41 4.86
C LEU A 47 5.63 13.12 6.17
N GLY A 48 5.94 12.36 7.21
CA GLY A 48 6.13 12.93 8.54
C GLY A 48 7.32 13.87 8.54
N ASP A 49 8.44 13.38 8.03
CA ASP A 49 9.67 14.16 7.93
C ASP A 49 9.45 15.44 7.12
N ALA A 50 8.77 15.31 5.97
CA ALA A 50 8.48 16.45 5.10
C ALA A 50 7.65 17.51 5.85
N PHE A 51 6.54 17.09 6.45
CA PHE A 51 5.73 18.04 7.21
C PHE A 51 6.59 18.65 8.32
N ALA A 52 7.60 17.91 8.77
CA ALA A 52 8.46 18.40 9.82
C ALA A 52 9.26 19.54 9.24
N ASP A 53 10.17 19.20 8.34
CA ASP A 53 11.02 20.15 7.65
C ASP A 53 10.28 21.43 7.28
N LEU A 54 9.02 21.31 6.85
CA LEU A 54 8.25 22.50 6.48
C LEU A 54 7.86 23.34 7.69
N SER A 55 7.47 22.68 8.77
CA SER A 55 7.10 23.39 10.01
C SER A 55 8.27 24.24 10.50
N GLN A 56 9.45 23.63 10.53
CA GLN A 56 10.66 24.31 10.98
C GLN A 56 11.05 25.46 10.06
N LYS A 57 10.74 25.32 8.78
CA LYS A 57 11.09 26.34 7.81
C LYS A 57 9.94 27.29 7.45
N SER A 58 8.75 27.03 7.98
CA SER A 58 7.61 27.87 7.63
C SER A 58 6.84 28.46 8.81
N PRO A 59 7.42 29.49 9.46
CA PRO A 59 6.81 30.17 10.62
C PRO A 59 5.36 30.56 10.40
N GLU A 60 5.01 30.94 9.19
CA GLU A 60 3.64 31.34 8.93
C GLU A 60 2.68 30.16 9.05
N LEU A 61 3.24 28.95 9.01
CA LEU A 61 2.45 27.73 9.04
C LEU A 61 3.01 26.62 9.92
N GLN A 62 4.03 26.94 10.71
CA GLN A 62 4.68 25.93 11.56
C GLN A 62 3.76 25.06 12.40
N GLU A 63 2.64 25.61 12.83
CA GLU A 63 1.71 24.81 13.63
C GLU A 63 1.15 23.69 12.75
N GLU A 64 0.33 24.06 11.78
CA GLU A 64 -0.28 23.10 10.87
C GLU A 64 0.69 22.01 10.39
N PHE A 65 1.88 22.40 9.94
CA PHE A 65 2.84 21.42 9.49
C PHE A 65 3.32 20.49 10.61
N GLY A 66 3.65 21.06 11.78
CA GLY A 66 4.12 20.27 12.91
C GLY A 66 3.05 19.40 13.53
N TYR A 67 1.81 19.90 13.49
CA TYR A 67 0.62 19.23 14.00
C TYR A 67 0.51 17.92 13.21
N ASN A 68 0.44 18.05 11.89
CA ASN A 68 0.34 16.92 10.98
C ASN A 68 1.58 16.04 11.05
N ALA A 69 2.74 16.65 11.30
CA ALA A 69 3.99 15.89 11.37
C ALA A 69 3.97 14.99 12.60
N GLU A 70 3.12 15.34 13.57
CA GLU A 70 3.01 14.56 14.79
C GLU A 70 2.21 13.29 14.55
N THR A 71 0.96 13.45 14.09
CA THR A 71 0.12 12.30 13.79
C THR A 71 0.90 11.31 12.92
N GLN A 72 1.41 11.77 11.80
CA GLN A 72 2.16 10.90 10.91
C GLN A 72 3.20 10.07 11.65
N LYS A 73 4.11 10.71 12.38
CA LYS A 73 5.14 9.96 13.12
C LYS A 73 4.50 9.05 14.18
N LEU A 74 3.35 9.48 14.69
CA LEU A 74 2.60 8.70 15.68
C LEU A 74 2.18 7.43 14.97
N LEU A 75 1.19 7.58 14.09
CA LEU A 75 0.66 6.47 13.31
C LEU A 75 1.72 5.51 12.80
N CYS A 76 2.95 6.00 12.67
CA CYS A 76 4.05 5.17 12.21
C CYS A 76 4.47 4.13 13.24
N LYS A 77 4.85 4.59 14.43
CA LYS A 77 5.27 3.66 15.48
C LYS A 77 4.10 2.74 15.87
N ASN A 78 2.88 3.21 15.67
CA ASN A 78 1.70 2.40 15.98
C ASN A 78 1.39 1.46 14.84
N GLY A 79 2.01 1.70 13.70
CA GLY A 79 1.77 0.84 12.56
C GLY A 79 2.77 -0.27 12.60
N GLU A 80 4.04 0.08 12.88
CA GLU A 80 5.12 -0.91 12.92
C GLU A 80 4.69 -2.08 13.80
N THR A 81 3.87 -1.77 14.80
CA THR A 81 3.33 -2.76 15.73
C THR A 81 2.30 -3.60 14.99
N LEU A 82 1.16 -3.00 14.64
CA LEU A 82 0.12 -3.71 13.90
C LEU A 82 0.74 -4.54 12.78
N LEU A 83 1.84 -4.03 12.22
CA LEU A 83 2.54 -4.70 11.13
C LEU A 83 3.14 -6.01 11.64
N GLY A 84 4.04 -5.91 12.62
CA GLY A 84 4.65 -7.10 13.17
C GLY A 84 3.62 -8.15 13.56
N ALA A 85 2.41 -7.69 13.88
CA ALA A 85 1.33 -8.60 14.25
C ALA A 85 0.85 -9.34 13.02
N VAL A 86 0.63 -8.61 11.93
CA VAL A 86 0.17 -9.23 10.70
C VAL A 86 1.28 -10.15 10.21
N ASN A 87 2.52 -9.72 10.37
CA ASN A 87 3.66 -10.54 9.96
C ASN A 87 3.64 -11.86 10.73
N PHE A 88 3.03 -11.81 11.92
CA PHE A 88 2.92 -12.99 12.79
C PHE A 88 1.75 -13.85 12.32
N PHE A 89 0.56 -13.26 12.28
CA PHE A 89 -0.63 -13.98 11.82
C PHE A 89 -0.28 -14.74 10.54
N VAL A 90 0.22 -14.00 9.55
CA VAL A 90 0.59 -14.58 8.26
C VAL A 90 1.60 -15.72 8.39
N SER A 91 2.64 -15.50 9.17
CA SER A 91 3.68 -16.52 9.32
C SER A 91 3.15 -17.78 10.00
N SER A 92 2.17 -17.60 10.88
CA SER A 92 1.57 -18.72 11.59
C SER A 92 0.77 -19.55 10.60
N ILE A 93 -0.28 -18.94 10.04
CA ILE A 93 -1.12 -19.64 9.09
C ILE A 93 -0.34 -20.30 7.96
N ASN A 94 0.84 -19.78 7.66
CA ASN A 94 1.65 -20.35 6.61
C ASN A 94 2.14 -21.72 7.02
N THR A 95 2.60 -21.82 8.27
CA THR A 95 3.09 -23.09 8.80
C THR A 95 1.96 -24.11 8.83
N LEU A 96 0.82 -23.71 9.40
CA LEU A 96 -0.33 -24.58 9.48
C LEU A 96 -0.67 -25.17 8.11
N VAL A 97 -0.53 -24.32 7.08
CA VAL A 97 -0.82 -24.70 5.71
C VAL A 97 0.33 -25.42 5.02
N THR A 98 1.48 -24.77 5.03
CA THR A 98 2.69 -25.26 4.40
C THR A 98 3.30 -26.52 4.97
N LYS A 99 3.12 -26.77 6.26
CA LYS A 99 3.70 -27.97 6.85
C LYS A 99 2.68 -28.85 7.54
N THR A 100 1.94 -28.30 8.48
CA THR A 100 0.94 -29.10 9.16
C THR A 100 0.01 -29.75 8.15
N MET A 101 -0.66 -28.94 7.32
CA MET A 101 -1.57 -29.49 6.33
C MET A 101 -0.88 -30.28 5.22
N GLU A 102 0.24 -29.76 4.72
CA GLU A 102 0.96 -30.42 3.64
C GLU A 102 1.35 -31.85 3.99
N ASP A 103 1.65 -32.09 5.26
CA ASP A 103 2.04 -33.42 5.71
C ASP A 103 0.88 -34.41 5.61
N THR A 104 -0.31 -33.96 5.98
CA THR A 104 -1.49 -34.81 5.89
C THR A 104 -1.78 -35.03 4.40
N LEU A 105 -1.91 -33.95 3.64
CA LEU A 105 -2.17 -34.05 2.22
C LEU A 105 -1.12 -34.95 1.59
N MET A 106 0.06 -35.00 2.20
CA MET A 106 1.16 -35.85 1.72
C MET A 106 0.68 -37.31 1.78
N THR A 107 0.12 -37.69 2.92
CA THR A 107 -0.38 -39.05 3.13
C THR A 107 -1.59 -39.36 2.24
N VAL A 108 -2.38 -38.34 1.91
CA VAL A 108 -3.53 -38.54 1.05
C VAL A 108 -3.09 -38.95 -0.35
N LYS A 109 -2.16 -38.21 -0.93
CA LYS A 109 -1.66 -38.51 -2.27
C LYS A 109 -1.08 -39.92 -2.28
N GLN A 110 -0.50 -40.32 -1.15
CA GLN A 110 0.07 -41.64 -0.99
C GLN A 110 -1.08 -42.65 -1.01
N TYR A 111 -2.05 -42.44 -0.12
CA TYR A 111 -3.23 -43.28 -0.05
C TYR A 111 -3.88 -43.40 -1.43
N GLU A 112 -4.08 -42.27 -2.08
CA GLU A 112 -4.71 -42.26 -3.40
C GLU A 112 -3.92 -43.05 -4.46
N ALA A 113 -2.60 -43.00 -4.39
CA ALA A 113 -1.78 -43.72 -5.37
C ALA A 113 -1.85 -45.22 -5.12
N ALA A 114 -1.74 -45.60 -3.85
CA ALA A 114 -1.80 -47.01 -3.49
C ALA A 114 -3.17 -47.55 -3.89
N ARG A 115 -4.20 -46.75 -3.65
CA ARG A 115 -5.55 -47.15 -3.99
C ARG A 115 -5.65 -47.45 -5.48
N LEU A 116 -5.01 -46.61 -6.28
CA LEU A 116 -5.01 -46.79 -7.73
C LEU A 116 -4.35 -48.11 -8.08
N GLU A 117 -3.21 -48.40 -7.43
CA GLU A 117 -2.47 -49.63 -7.70
C GLU A 117 -3.20 -50.86 -7.23
N TYR A 118 -3.80 -50.78 -6.04
CA TYR A 118 -4.56 -51.89 -5.51
C TYR A 118 -5.57 -52.29 -6.60
N ASP A 119 -6.32 -51.32 -7.14
CA ASP A 119 -7.29 -51.65 -8.17
C ASP A 119 -6.66 -52.19 -9.45
N ALA A 120 -5.41 -51.85 -9.70
CA ALA A 120 -4.78 -52.33 -10.92
C ALA A 120 -4.39 -53.80 -10.78
N TYR A 121 -3.79 -54.15 -9.64
CA TYR A 121 -3.37 -55.53 -9.41
C TYR A 121 -4.59 -56.44 -9.24
N ARG A 122 -5.67 -55.91 -8.66
CA ARG A 122 -6.90 -56.65 -8.47
C ARG A 122 -7.43 -56.99 -9.86
N THR A 123 -7.52 -55.97 -10.71
CA THR A 123 -8.03 -56.14 -12.06
C THR A 123 -7.20 -57.13 -12.89
N ASP A 124 -5.90 -57.20 -12.62
CA ASP A 124 -5.02 -58.13 -13.34
C ASP A 124 -5.42 -59.55 -12.98
N LEU A 125 -5.74 -59.72 -11.71
CA LEU A 125 -6.14 -61.02 -11.20
C LEU A 125 -7.49 -61.44 -11.75
N GLU A 126 -8.44 -60.51 -11.85
CA GLU A 126 -9.75 -60.83 -12.39
C GLU A 126 -9.58 -61.24 -13.85
N GLU A 127 -8.69 -60.55 -14.55
CA GLU A 127 -8.41 -60.85 -15.95
C GLU A 127 -7.88 -62.25 -16.13
N LEU A 128 -6.91 -62.64 -15.33
CA LEU A 128 -6.34 -63.97 -15.46
C LEU A 128 -7.36 -65.04 -15.11
N SER A 129 -8.39 -64.65 -14.38
CA SER A 129 -9.43 -65.58 -13.97
C SER A 129 -10.25 -66.05 -15.17
N LEU A 130 -10.21 -65.28 -16.24
CA LEU A 130 -10.95 -65.62 -17.43
C LEU A 130 -10.25 -66.76 -18.16
N GLY A 131 -8.93 -66.82 -18.00
CA GLY A 131 -8.16 -67.86 -18.64
C GLY A 131 -8.57 -69.28 -18.31
N PRO A 132 -8.08 -70.28 -19.07
CA PRO A 132 -8.41 -71.68 -18.83
C PRO A 132 -7.87 -72.13 -17.47
N ARG A 133 -8.43 -73.20 -16.91
CA ARG A 133 -8.02 -73.70 -15.61
C ARG A 133 -6.72 -74.52 -15.63
N ASP A 134 -6.05 -74.51 -16.78
CA ASP A 134 -4.80 -75.24 -17.02
C ASP A 134 -3.62 -74.92 -16.10
N ALA A 135 -2.53 -75.65 -16.28
CA ALA A 135 -1.31 -75.45 -15.52
C ALA A 135 -0.51 -74.46 -16.34
N GLY A 136 -0.16 -73.34 -15.74
CA GLY A 136 0.56 -72.32 -16.45
C GLY A 136 -0.24 -71.09 -16.15
N THR A 137 -1.55 -71.22 -16.23
CA THR A 137 -2.42 -70.10 -15.91
C THR A 137 -2.49 -70.04 -14.39
N ARG A 138 -2.52 -71.22 -13.76
CA ARG A 138 -2.57 -71.25 -12.29
C ARG A 138 -1.28 -70.71 -11.71
N GLY A 139 -0.17 -70.99 -12.39
CA GLY A 139 1.09 -70.48 -11.90
C GLY A 139 1.06 -68.96 -11.86
N ARG A 140 0.49 -68.36 -12.90
CA ARG A 140 0.39 -66.91 -13.01
C ARG A 140 -0.61 -66.33 -12.02
N LEU A 141 -1.67 -67.06 -11.71
CA LEU A 141 -2.68 -66.58 -10.76
C LEU A 141 -2.04 -66.57 -9.39
N GLU A 142 -1.00 -67.38 -9.21
CA GLU A 142 -0.31 -67.43 -7.94
C GLU A 142 0.54 -66.18 -7.79
N SER A 143 1.41 -65.92 -8.76
CA SER A 143 2.25 -64.72 -8.70
C SER A 143 1.32 -63.53 -8.51
N ALA A 144 0.31 -63.44 -9.36
CA ALA A 144 -0.65 -62.36 -9.32
C ALA A 144 -1.37 -62.24 -7.97
N GLN A 145 -1.58 -63.37 -7.29
CA GLN A 145 -2.25 -63.34 -6.00
C GLN A 145 -1.38 -62.66 -4.95
N ALA A 146 -0.08 -62.97 -4.95
CA ALA A 146 0.85 -62.36 -4.00
C ALA A 146 0.77 -60.85 -4.12
N THR A 147 1.31 -60.32 -5.21
CA THR A 147 1.31 -58.89 -5.50
C THR A 147 -0.03 -58.28 -5.09
N PHE A 148 -1.12 -58.87 -5.56
CA PHE A 148 -2.45 -58.36 -5.23
C PHE A 148 -2.69 -58.20 -3.74
N GLN A 149 -2.45 -59.27 -2.98
CA GLN A 149 -2.64 -59.24 -1.53
C GLN A 149 -1.79 -58.12 -0.94
N ALA A 150 -0.51 -58.13 -1.31
CA ALA A 150 0.43 -57.13 -0.84
C ALA A 150 -0.14 -55.72 -1.04
N HIS A 151 -0.36 -55.37 -2.30
CA HIS A 151 -0.88 -54.06 -2.64
C HIS A 151 -2.16 -53.73 -1.89
N ARG A 152 -2.88 -54.75 -1.46
CA ARG A 152 -4.12 -54.55 -0.69
C ARG A 152 -3.69 -54.09 0.71
N ASP A 153 -2.57 -54.64 1.17
CA ASP A 153 -2.04 -54.29 2.48
C ASP A 153 -1.65 -52.81 2.52
N LYS A 154 -0.73 -52.41 1.62
CA LYS A 154 -0.28 -51.02 1.59
C LYS A 154 -1.48 -50.08 1.48
N TYR A 155 -2.45 -50.43 0.66
CA TYR A 155 -3.63 -49.61 0.51
C TYR A 155 -4.37 -49.42 1.84
N GLU A 156 -4.88 -50.52 2.40
CA GLU A 156 -5.61 -50.48 3.66
C GLU A 156 -4.87 -49.81 4.84
N LYS A 157 -3.55 -49.99 4.90
CA LYS A 157 -2.78 -49.34 5.96
C LYS A 157 -2.87 -47.84 5.75
N LEU A 158 -2.38 -47.38 4.60
CA LEU A 158 -2.41 -45.98 4.26
C LEU A 158 -3.81 -45.40 4.45
N ARG A 159 -4.85 -46.15 4.09
CA ARG A 159 -6.20 -45.63 4.27
C ARG A 159 -6.47 -45.43 5.76
N GLY A 160 -5.70 -46.12 6.59
CA GLY A 160 -5.86 -45.99 8.01
C GLY A 160 -5.08 -44.79 8.50
N ASP A 161 -3.84 -44.70 8.06
CA ASP A 161 -2.98 -43.59 8.44
C ASP A 161 -3.62 -42.24 8.06
N VAL A 162 -4.57 -42.26 7.14
CA VAL A 162 -5.21 -41.03 6.72
C VAL A 162 -6.31 -40.57 7.66
N ALA A 163 -7.27 -41.46 7.91
CA ALA A 163 -8.37 -41.14 8.80
C ALA A 163 -7.80 -40.68 10.15
N ILE A 164 -6.64 -41.21 10.53
CA ILE A 164 -6.01 -40.82 11.78
C ILE A 164 -5.49 -39.40 11.59
N LYS A 165 -4.46 -39.24 10.76
CA LYS A 165 -3.89 -37.92 10.50
C LYS A 165 -4.98 -36.87 10.31
N LEU A 166 -6.03 -37.20 9.57
CA LEU A 166 -7.09 -36.24 9.35
C LEU A 166 -7.60 -35.73 10.69
N LYS A 167 -8.00 -36.62 11.59
CA LYS A 167 -8.50 -36.20 12.90
C LYS A 167 -7.53 -35.27 13.62
N PHE A 168 -6.27 -35.68 13.75
CA PHE A 168 -5.26 -34.83 14.38
C PHE A 168 -5.20 -33.42 13.73
N LEU A 169 -5.11 -33.38 12.41
CA LEU A 169 -5.04 -32.12 11.68
C LEU A 169 -6.21 -31.20 12.05
N GLU A 170 -7.44 -31.70 11.96
CA GLU A 170 -8.61 -30.88 12.29
C GLU A 170 -8.49 -30.33 13.72
N GLU A 171 -7.69 -31.00 14.54
CA GLU A 171 -7.53 -30.53 15.91
C GLU A 171 -6.81 -29.19 15.77
N ASN A 172 -5.66 -29.19 15.12
CA ASN A 172 -4.91 -27.96 14.92
C ASN A 172 -5.65 -26.88 14.16
N LYS A 173 -6.24 -27.26 13.03
CA LYS A 173 -6.98 -26.28 12.24
C LYS A 173 -7.82 -25.41 13.15
N ILE A 174 -8.27 -25.97 14.27
CA ILE A 174 -9.08 -25.18 15.16
C ILE A 174 -8.26 -24.50 16.25
N LYS A 175 -7.32 -25.22 16.84
CA LYS A 175 -6.48 -24.62 17.87
C LYS A 175 -5.67 -23.47 17.30
N VAL A 176 -4.82 -23.76 16.32
CA VAL A 176 -3.99 -22.74 15.69
C VAL A 176 -4.80 -21.57 15.14
N MET A 177 -5.89 -21.85 14.43
CA MET A 177 -6.72 -20.80 13.86
C MET A 177 -7.56 -20.05 14.89
N HIS A 178 -7.22 -20.23 16.16
CA HIS A 178 -7.92 -19.54 17.23
C HIS A 178 -6.93 -18.51 17.74
N LYS A 179 -5.84 -19.01 18.32
CA LYS A 179 -4.79 -18.16 18.84
C LYS A 179 -4.48 -17.09 17.77
N GLN A 180 -4.52 -17.51 16.50
CA GLN A 180 -4.23 -16.63 15.38
C GLN A 180 -5.37 -15.68 14.99
N LEU A 181 -6.55 -16.24 14.71
CA LEU A 181 -7.69 -15.40 14.34
C LEU A 181 -8.01 -14.38 15.42
N LEU A 182 -7.45 -14.62 16.61
CA LEU A 182 -7.63 -13.75 17.77
C LEU A 182 -6.61 -12.64 17.73
N LEU A 183 -5.37 -13.00 18.06
CA LEU A 183 -4.25 -12.08 18.07
C LEU A 183 -4.37 -11.08 16.92
N PHE A 184 -4.65 -11.60 15.73
CA PHE A 184 -4.81 -10.77 14.55
C PHE A 184 -5.83 -9.69 14.87
N HIS A 185 -7.09 -10.09 15.02
CA HIS A 185 -8.16 -9.15 15.32
C HIS A 185 -7.89 -8.26 16.54
N ASN A 186 -7.12 -8.76 17.51
CA ASN A 186 -6.81 -7.96 18.68
C ASN A 186 -5.81 -6.87 18.33
N ALA A 187 -4.73 -7.26 17.65
CA ALA A 187 -3.69 -6.34 17.22
C ALA A 187 -4.36 -5.21 16.43
N VAL A 188 -5.37 -5.59 15.63
CA VAL A 188 -6.09 -4.63 14.83
C VAL A 188 -6.75 -3.57 15.71
N SER A 189 -7.74 -3.97 16.49
CA SER A 189 -8.42 -3.03 17.37
C SER A 189 -7.45 -2.37 18.36
N ALA A 190 -6.31 -3.01 18.63
CA ALA A 190 -5.33 -2.44 19.54
C ALA A 190 -4.59 -1.27 18.87
N TYR A 191 -4.46 -1.38 17.55
CA TYR A 191 -3.80 -0.35 16.74
C TYR A 191 -4.62 0.91 16.79
N PHE A 192 -5.88 0.81 16.35
CA PHE A 192 -6.77 1.96 16.36
C PHE A 192 -6.95 2.54 17.76
N ALA A 193 -7.18 1.67 18.74
CA ALA A 193 -7.35 2.11 20.11
C ALA A 193 -6.17 2.96 20.55
N GLY A 194 -5.00 2.34 20.65
CA GLY A 194 -3.80 3.06 21.06
C GLY A 194 -3.52 4.34 20.29
N ASN A 195 -4.01 4.43 19.05
CA ASN A 195 -3.80 5.61 18.22
C ASN A 195 -4.73 6.77 18.55
N GLN A 196 -6.01 6.48 18.81
CA GLN A 196 -6.98 7.52 19.15
C GLN A 196 -6.68 8.11 20.53
N LYS A 197 -6.08 7.30 21.39
CA LYS A 197 -5.72 7.69 22.74
C LYS A 197 -4.69 8.80 22.73
N GLN A 198 -3.96 8.92 21.62
CA GLN A 198 -2.94 9.94 21.46
C GLN A 198 -3.41 11.07 20.55
N LEU A 199 -4.38 10.78 19.70
CA LEU A 199 -4.92 11.77 18.77
C LEU A 199 -5.87 12.72 19.46
N GLU A 200 -6.53 12.24 20.52
CA GLU A 200 -7.45 13.07 21.28
C GLU A 200 -6.63 13.96 22.22
N GLN A 201 -5.55 13.40 22.77
CA GLN A 201 -4.67 14.15 23.66
C GLN A 201 -4.07 15.34 22.93
N THR A 202 -3.39 15.08 21.82
CA THR A 202 -2.77 16.14 21.04
C THR A 202 -3.62 16.42 19.79
N SER B 2 29.14 42.68 -12.25
CA SER B 2 28.46 43.86 -12.89
C SER B 2 27.03 43.51 -13.31
N ARG B 3 26.50 42.44 -12.71
CA ARG B 3 25.13 41.99 -12.99
C ARG B 3 24.21 42.87 -12.15
N THR B 4 22.99 43.10 -12.61
CA THR B 4 22.03 43.90 -11.82
C THR B 4 21.43 43.03 -10.71
N VAL B 5 21.30 43.57 -9.50
CA VAL B 5 20.73 42.80 -8.39
C VAL B 5 19.58 43.45 -7.65
N ASP B 6 18.51 42.68 -7.45
CA ASP B 6 17.33 43.14 -6.73
C ASP B 6 17.26 42.28 -5.46
N LEU B 7 18.21 42.53 -4.55
CA LEU B 7 18.35 41.81 -3.28
C LEU B 7 17.12 41.22 -2.61
N GLU B 8 16.21 42.07 -2.15
CA GLU B 8 14.99 41.62 -1.49
C GLU B 8 14.08 40.76 -2.36
N LEU B 9 13.89 41.16 -3.62
CA LEU B 9 13.05 40.42 -4.54
C LEU B 9 13.59 39.02 -4.76
N GLU B 10 14.89 38.96 -5.03
CA GLU B 10 15.57 37.71 -5.28
C GLU B 10 15.51 36.74 -4.11
N LEU B 11 15.48 37.28 -2.90
CA LEU B 11 15.39 36.43 -1.74
C LEU B 11 14.02 35.76 -1.77
N GLN B 12 12.98 36.57 -1.99
CA GLN B 12 11.61 36.09 -2.04
C GLN B 12 11.41 35.06 -3.16
N ILE B 13 12.18 35.20 -4.23
CA ILE B 13 12.08 34.27 -5.35
C ILE B 13 12.71 32.93 -4.98
N GLU B 14 13.80 32.95 -4.20
CA GLU B 14 14.46 31.71 -3.78
C GLU B 14 13.54 30.95 -2.87
N LEU B 15 12.83 31.69 -2.03
CA LEU B 15 11.88 31.09 -1.10
C LEU B 15 10.74 30.41 -1.85
N LEU B 16 10.23 31.07 -2.88
CA LEU B 16 9.14 30.54 -3.67
C LEU B 16 9.61 29.24 -4.31
N ARG B 17 10.82 29.29 -4.88
CA ARG B 17 11.37 28.11 -5.51
C ARG B 17 11.55 26.93 -4.56
N GLU B 18 12.10 27.19 -3.37
CA GLU B 18 12.28 26.11 -2.40
C GLU B 18 10.93 25.60 -1.93
N THR B 19 10.00 26.52 -1.70
CA THR B 19 8.67 26.13 -1.26
C THR B 19 8.02 25.22 -2.30
N LYS B 20 7.99 25.68 -3.55
CA LYS B 20 7.38 24.90 -4.60
C LYS B 20 7.99 23.50 -4.68
N ARG B 21 9.32 23.42 -4.63
CA ARG B 21 10.00 22.14 -4.66
C ARG B 21 9.56 21.27 -3.47
N LYS B 22 9.55 21.82 -2.27
CA LYS B 22 9.13 21.03 -1.10
C LYS B 22 7.68 20.57 -1.29
N TYR B 23 6.82 21.48 -1.76
CA TYR B 23 5.41 21.16 -1.95
C TYR B 23 5.20 20.07 -3.00
N GLU B 24 6.12 19.96 -3.96
CA GLU B 24 5.98 18.92 -4.97
C GLU B 24 6.31 17.58 -4.32
N SER B 25 7.20 17.59 -3.34
CA SER B 25 7.52 16.36 -2.63
C SER B 25 6.30 15.94 -1.84
N VAL B 26 5.72 16.89 -1.12
CA VAL B 26 4.54 16.58 -0.33
C VAL B 26 3.50 16.00 -1.25
N LEU B 27 3.40 16.56 -2.45
CA LEU B 27 2.44 16.10 -3.44
C LEU B 27 2.70 14.66 -3.91
N GLN B 28 3.96 14.33 -4.16
CA GLN B 28 4.32 12.99 -4.59
C GLN B 28 3.97 12.01 -3.46
N LEU B 29 4.44 12.32 -2.27
CA LEU B 29 4.15 11.45 -1.13
C LEU B 29 2.65 11.27 -1.04
N GLY B 30 1.90 12.36 -1.18
CA GLY B 30 0.46 12.28 -1.10
C GLY B 30 -0.16 11.36 -2.13
N ARG B 31 0.41 11.34 -3.32
CA ARG B 31 -0.12 10.45 -4.35
C ARG B 31 0.22 9.03 -3.96
N ALA B 32 1.38 8.84 -3.37
CA ALA B 32 1.81 7.54 -2.92
C ALA B 32 0.81 7.06 -1.87
N LEU B 33 0.64 7.86 -0.82
CA LEU B 33 -0.29 7.52 0.24
C LEU B 33 -1.62 7.07 -0.37
N THR B 34 -2.09 7.84 -1.33
CA THR B 34 -3.35 7.55 -1.99
C THR B 34 -3.36 6.16 -2.62
N ALA B 35 -2.30 5.87 -3.36
CA ALA B 35 -2.14 4.60 -4.05
C ALA B 35 -2.19 3.43 -3.06
N HIS B 36 -1.39 3.49 -2.01
CA HIS B 36 -1.33 2.44 -1.02
C HIS B 36 -2.65 2.27 -0.31
N LEU B 37 -3.35 3.37 -0.09
CA LEU B 37 -4.63 3.31 0.59
C LEU B 37 -5.63 2.59 -0.29
N TYR B 38 -5.56 2.85 -1.58
CA TYR B 38 -6.46 2.20 -2.52
C TYR B 38 -6.15 0.70 -2.46
N SER B 39 -4.87 0.36 -2.46
CA SER B 39 -4.42 -1.02 -2.41
C SER B 39 -4.90 -1.72 -1.15
N LEU B 40 -4.66 -1.07 -0.02
CA LEU B 40 -5.06 -1.60 1.27
C LEU B 40 -6.55 -1.91 1.28
N LEU B 41 -7.37 -0.92 0.94
CA LEU B 41 -8.80 -1.09 0.90
C LEU B 41 -9.21 -2.24 0.00
N GLN B 42 -8.54 -2.38 -1.13
CA GLN B 42 -8.86 -3.44 -2.06
C GLN B 42 -8.57 -4.79 -1.39
N THR B 43 -7.53 -4.82 -0.58
CA THR B 43 -7.10 -6.02 0.12
C THR B 43 -7.94 -6.33 1.35
N GLN B 44 -8.52 -5.29 1.96
CA GLN B 44 -9.34 -5.50 3.15
C GLN B 44 -10.73 -5.95 2.74
N HIS B 45 -11.20 -5.50 1.58
CA HIS B 45 -12.52 -5.92 1.12
C HIS B 45 -12.49 -7.41 0.78
N ALA B 46 -11.38 -7.85 0.20
CA ALA B 46 -11.25 -9.24 -0.18
C ALA B 46 -11.03 -10.09 1.06
N LEU B 47 -10.08 -9.68 1.91
CA LEU B 47 -9.80 -10.43 3.13
C LEU B 47 -11.09 -10.51 3.94
N GLY B 48 -11.95 -9.51 3.75
CA GLY B 48 -13.22 -9.48 4.45
C GLY B 48 -14.14 -10.54 3.89
N ASP B 49 -14.26 -10.59 2.56
CA ASP B 49 -15.10 -11.60 1.91
C ASP B 49 -14.55 -13.01 2.17
N ALA B 50 -13.23 -13.16 2.15
CA ALA B 50 -12.62 -14.44 2.39
C ALA B 50 -12.98 -14.86 3.81
N PHE B 51 -12.63 -14.01 4.78
CA PHE B 51 -12.94 -14.29 6.16
C PHE B 51 -14.43 -14.64 6.26
N ALA B 52 -15.24 -13.95 5.48
CA ALA B 52 -16.67 -14.22 5.50
C ALA B 52 -16.96 -15.66 5.13
N ASP B 53 -16.49 -16.08 3.96
CA ASP B 53 -16.71 -17.44 3.50
C ASP B 53 -16.23 -18.48 4.51
N LEU B 54 -14.98 -18.37 4.94
CA LEU B 54 -14.43 -19.31 5.91
C LEU B 54 -15.24 -19.36 7.20
N SER B 55 -16.24 -18.50 7.31
CA SER B 55 -17.10 -18.47 8.49
C SER B 55 -18.38 -19.22 8.11
N GLN B 56 -18.95 -18.83 6.97
CA GLN B 56 -20.16 -19.47 6.48
C GLN B 56 -19.95 -20.95 6.25
N LYS B 57 -18.75 -21.34 5.84
CA LYS B 57 -18.44 -22.72 5.56
C LYS B 57 -17.55 -23.40 6.61
N SER B 58 -17.49 -22.85 7.81
CA SER B 58 -16.64 -23.47 8.83
C SER B 58 -17.16 -23.25 10.26
N PRO B 59 -18.31 -23.85 10.59
CA PRO B 59 -18.91 -23.73 11.93
C PRO B 59 -17.94 -24.00 13.07
N GLU B 60 -16.91 -24.80 12.80
CA GLU B 60 -15.93 -25.12 13.85
C GLU B 60 -15.26 -23.85 14.38
N LEU B 61 -15.40 -22.75 13.64
CA LEU B 61 -14.78 -21.48 14.02
C LEU B 61 -15.64 -20.24 13.75
N GLN B 62 -16.81 -20.41 13.11
CA GLN B 62 -17.70 -19.29 12.78
C GLN B 62 -17.41 -17.95 13.45
N GLU B 63 -17.41 -17.93 14.78
CA GLU B 63 -17.16 -16.71 15.53
C GLU B 63 -15.79 -16.09 15.25
N GLU B 64 -14.72 -16.83 15.51
CA GLU B 64 -13.37 -16.33 15.29
C GLU B 64 -13.04 -15.96 13.83
N PHE B 65 -14.00 -16.21 12.93
CA PHE B 65 -13.84 -15.87 11.52
C PHE B 65 -14.81 -14.74 11.22
N GLY B 66 -15.93 -14.74 11.92
CA GLY B 66 -16.93 -13.70 11.73
C GLY B 66 -16.53 -12.33 12.28
N TYR B 67 -16.12 -12.28 13.55
CA TYR B 67 -15.72 -11.02 14.15
C TYR B 67 -14.40 -10.50 13.55
N ASN B 68 -14.03 -11.07 12.41
CA ASN B 68 -12.85 -10.66 11.68
C ASN B 68 -13.33 -10.19 10.33
N ALA B 69 -14.29 -10.93 9.77
CA ALA B 69 -14.86 -10.54 8.49
C ALA B 69 -15.42 -9.13 8.66
N GLU B 70 -16.32 -8.98 9.62
CA GLU B 70 -16.96 -7.69 9.92
C GLU B 70 -15.97 -6.57 10.23
N THR B 71 -15.07 -6.79 11.19
CA THR B 71 -14.07 -5.80 11.55
C THR B 71 -13.40 -5.26 10.29
N GLN B 72 -13.24 -6.15 9.31
CA GLN B 72 -12.63 -5.79 8.05
C GLN B 72 -13.62 -4.97 7.21
N LYS B 73 -14.83 -5.48 7.03
CA LYS B 73 -15.84 -4.76 6.26
C LYS B 73 -16.06 -3.35 6.80
N LEU B 74 -15.86 -3.19 8.10
CA LEU B 74 -16.02 -1.90 8.75
C LEU B 74 -14.89 -0.97 8.33
N LEU B 75 -13.67 -1.37 8.65
CA LEU B 75 -12.48 -0.61 8.32
C LEU B 75 -12.42 -0.23 6.83
N CYS B 76 -13.44 -0.63 6.08
CA CYS B 76 -13.49 -0.35 4.65
C CYS B 76 -14.47 0.75 4.26
N LYS B 77 -15.42 1.03 5.13
CA LYS B 77 -16.39 2.10 4.87
C LYS B 77 -15.73 3.32 5.47
N ASN B 78 -15.36 3.15 6.73
CA ASN B 78 -14.68 4.12 7.57
C ASN B 78 -13.33 4.48 6.91
N GLY B 79 -12.85 3.59 6.05
CA GLY B 79 -11.59 3.83 5.36
C GLY B 79 -11.78 4.24 3.92
N GLU B 80 -13.00 4.13 3.40
CA GLU B 80 -13.24 4.51 2.03
C GLU B 80 -13.36 6.03 1.98
N THR B 81 -13.98 6.61 3.00
CA THR B 81 -14.13 8.05 3.04
C THR B 81 -12.80 8.72 3.35
N LEU B 82 -12.00 8.11 4.23
CA LEU B 82 -10.70 8.68 4.53
C LEU B 82 -9.96 8.94 3.24
N LEU B 83 -10.14 8.04 2.28
CA LEU B 83 -9.50 8.14 0.99
C LEU B 83 -9.95 9.41 0.31
N GLY B 84 -11.26 9.56 0.19
CA GLY B 84 -11.83 10.74 -0.45
C GLY B 84 -11.15 12.02 -0.01
N ALA B 85 -10.94 12.14 1.29
CA ALA B 85 -10.29 13.32 1.86
C ALA B 85 -8.84 13.42 1.39
N VAL B 86 -8.11 12.30 1.41
CA VAL B 86 -6.72 12.31 0.97
C VAL B 86 -6.68 12.75 -0.49
N ASN B 87 -7.66 12.32 -1.27
CA ASN B 87 -7.69 12.74 -2.66
C ASN B 87 -7.92 14.26 -2.76
N PHE B 88 -8.82 14.79 -1.94
CA PHE B 88 -9.14 16.21 -1.93
C PHE B 88 -7.88 17.01 -1.58
N PHE B 89 -7.20 16.58 -0.53
CA PHE B 89 -5.97 17.22 -0.08
C PHE B 89 -5.03 17.33 -1.29
N VAL B 90 -4.65 16.18 -1.84
CA VAL B 90 -3.76 16.12 -3.00
C VAL B 90 -4.19 17.01 -4.17
N SER B 91 -5.44 16.88 -4.57
CA SER B 91 -5.99 17.65 -5.67
C SER B 91 -6.02 19.17 -5.37
N SER B 92 -6.16 19.53 -4.10
CA SER B 92 -6.20 20.93 -3.71
C SER B 92 -4.79 21.47 -3.82
N ILE B 93 -3.84 20.77 -3.19
CA ILE B 93 -2.45 21.20 -3.22
C ILE B 93 -1.86 21.18 -4.63
N ASN B 94 -2.31 20.24 -5.45
CA ASN B 94 -1.80 20.14 -6.79
C ASN B 94 -2.12 21.40 -7.55
N THR B 95 -3.32 21.93 -7.33
CA THR B 95 -3.73 23.14 -8.02
C THR B 95 -2.92 24.35 -7.57
N LEU B 96 -2.65 24.44 -6.27
CA LEU B 96 -1.87 25.53 -5.74
C LEU B 96 -0.46 25.50 -6.30
N VAL B 97 0.10 24.29 -6.35
CA VAL B 97 1.46 24.08 -6.85
C VAL B 97 1.56 24.17 -8.36
N THR B 98 0.81 23.29 -9.01
CA THR B 98 0.75 23.14 -10.45
C THR B 98 0.17 24.26 -11.30
N LYS B 99 -0.54 25.19 -10.68
CA LYS B 99 -1.13 26.29 -11.42
C LYS B 99 -0.83 27.65 -10.82
N THR B 100 -1.13 27.82 -9.53
CA THR B 100 -0.90 29.11 -8.93
C THR B 100 0.56 29.45 -8.75
N MET B 101 1.35 28.53 -8.18
CA MET B 101 2.78 28.80 -7.98
C MET B 101 3.47 28.83 -9.33
N GLU B 102 3.13 27.84 -10.17
CA GLU B 102 3.69 27.70 -11.49
C GLU B 102 3.53 28.96 -12.34
N ASP B 103 2.33 29.53 -12.35
CA ASP B 103 2.12 30.74 -13.12
C ASP B 103 2.95 31.89 -12.56
N THR B 104 2.92 32.04 -11.24
CA THR B 104 3.69 33.08 -10.61
C THR B 104 5.15 32.92 -10.99
N LEU B 105 5.61 31.68 -11.00
CA LEU B 105 6.99 31.42 -11.35
C LEU B 105 7.26 31.72 -12.81
N MET B 106 6.23 31.69 -13.65
CA MET B 106 6.42 31.99 -15.06
C MET B 106 6.73 33.48 -15.19
N THR B 107 6.07 34.30 -14.37
CA THR B 107 6.32 35.73 -14.37
C THR B 107 7.74 35.98 -13.85
N VAL B 108 8.22 35.11 -12.98
CA VAL B 108 9.57 35.25 -12.43
C VAL B 108 10.59 34.95 -13.53
N LYS B 109 10.41 33.83 -14.23
CA LYS B 109 11.33 33.44 -15.31
C LYS B 109 11.41 34.58 -16.33
N GLN B 110 10.27 35.22 -16.56
CA GLN B 110 10.20 36.32 -17.50
C GLN B 110 11.00 37.49 -17.01
N TYR B 111 10.76 37.87 -15.75
CA TYR B 111 11.47 38.97 -15.12
C TYR B 111 12.97 38.71 -15.21
N GLU B 112 13.39 37.49 -14.86
CA GLU B 112 14.81 37.16 -14.89
C GLU B 112 15.35 37.35 -16.29
N ALA B 113 14.62 36.86 -17.27
CA ALA B 113 15.04 37.00 -18.65
C ALA B 113 15.16 38.50 -19.01
N ALA B 114 14.18 39.27 -18.54
CA ALA B 114 14.17 40.70 -18.79
C ALA B 114 15.37 41.37 -18.15
N ARG B 115 15.75 40.89 -16.98
CA ARG B 115 16.89 41.42 -16.27
C ARG B 115 18.19 41.15 -17.04
N LEU B 116 18.34 39.93 -17.57
CA LEU B 116 19.54 39.58 -18.33
C LEU B 116 19.72 40.50 -19.54
N GLU B 117 18.65 40.68 -20.33
CA GLU B 117 18.69 41.56 -21.50
C GLU B 117 18.94 43.01 -21.09
N TYR B 118 18.41 43.37 -19.93
CA TYR B 118 18.58 44.72 -19.42
C TYR B 118 20.06 45.01 -19.30
N ASP B 119 20.78 44.11 -18.63
CA ASP B 119 22.21 44.30 -18.43
C ASP B 119 22.98 44.27 -19.76
N ALA B 120 22.60 43.36 -20.65
CA ALA B 120 23.24 43.27 -21.95
C ALA B 120 23.24 44.66 -22.62
N TYR B 121 22.06 45.25 -22.82
CA TYR B 121 21.91 46.56 -23.43
C TYR B 121 22.56 47.69 -22.62
N ARG B 122 22.50 47.60 -21.30
CA ARG B 122 23.08 48.61 -20.44
C ARG B 122 24.57 48.61 -20.67
N THR B 123 25.14 47.42 -20.68
CA THR B 123 26.56 47.24 -20.92
C THR B 123 26.95 47.84 -22.27
N ASP B 124 26.30 47.36 -23.32
CA ASP B 124 26.52 47.84 -24.67
C ASP B 124 26.59 49.36 -24.67
N LEU B 125 25.58 49.99 -24.07
CA LEU B 125 25.48 51.43 -23.99
C LEU B 125 26.62 52.09 -23.24
N GLU B 126 27.00 51.52 -22.10
CA GLU B 126 28.08 52.06 -21.29
C GLU B 126 29.38 52.01 -22.12
N GLU B 127 29.62 50.87 -22.75
CA GLU B 127 30.80 50.72 -23.57
C GLU B 127 30.85 51.74 -24.70
N LEU B 128 29.76 51.89 -25.42
CA LEU B 128 29.73 52.84 -26.52
C LEU B 128 30.13 54.23 -26.05
N SER B 129 29.51 54.68 -24.96
CA SER B 129 29.79 55.99 -24.42
C SER B 129 31.11 56.00 -23.67
N LEU B 130 31.89 54.96 -23.89
CA LEU B 130 33.18 54.80 -23.24
C LEU B 130 34.30 55.04 -24.25
N GLY B 131 33.94 55.13 -25.52
CA GLY B 131 34.94 55.35 -26.55
C GLY B 131 35.09 56.82 -26.91
N PRO B 132 35.64 57.10 -28.10
CA PRO B 132 35.88 58.45 -28.63
C PRO B 132 34.65 59.00 -29.36
N ARG B 133 34.43 60.30 -29.28
CA ARG B 133 33.28 60.93 -29.92
C ARG B 133 33.57 61.39 -31.35
N ASP B 134 32.97 60.72 -32.33
CA ASP B 134 33.14 61.09 -33.73
C ASP B 134 31.88 60.87 -34.54
N ALA B 135 31.83 61.45 -35.74
CA ALA B 135 30.66 61.28 -36.60
C ALA B 135 30.45 59.79 -36.81
N GLY B 136 29.44 59.26 -36.13
CA GLY B 136 29.13 57.85 -36.22
C GLY B 136 28.83 57.45 -34.79
N THR B 137 29.74 57.85 -33.91
CA THR B 137 29.58 57.55 -32.49
C THR B 137 28.63 58.58 -31.88
N ARG B 138 27.38 58.53 -32.34
CA ARG B 138 26.33 59.42 -31.86
C ARG B 138 24.99 58.92 -32.40
N GLY B 139 25.04 58.39 -33.62
CA GLY B 139 23.86 57.81 -34.22
C GLY B 139 23.78 56.47 -33.51
N ARG B 140 24.95 55.89 -33.29
CA ARG B 140 25.03 54.61 -32.58
C ARG B 140 24.65 54.83 -31.11
N LEU B 141 25.10 55.92 -30.50
CA LEU B 141 24.75 56.18 -29.12
C LEU B 141 23.24 56.30 -28.93
N GLU B 142 22.58 56.91 -29.91
CA GLU B 142 21.14 57.11 -29.85
C GLU B 142 20.40 55.79 -30.04
N SER B 143 20.84 55.01 -31.02
CA SER B 143 20.23 53.73 -31.31
C SER B 143 20.36 52.84 -30.09
N ALA B 144 21.46 53.03 -29.37
CA ALA B 144 21.77 52.28 -28.17
C ALA B 144 20.86 52.72 -27.04
N GLN B 145 20.69 54.02 -26.88
CA GLN B 145 19.82 54.55 -25.85
C GLN B 145 18.38 54.06 -26.07
N ALA B 146 17.98 54.01 -27.33
CA ALA B 146 16.64 53.56 -27.68
C ALA B 146 16.42 52.15 -27.15
N THR B 147 17.15 51.20 -27.72
CA THR B 147 17.05 49.79 -27.32
C THR B 147 17.11 49.67 -25.80
N PHE B 148 18.09 50.34 -25.21
CA PHE B 148 18.27 50.31 -23.76
C PHE B 148 16.98 50.63 -23.03
N GLN B 149 16.37 51.76 -23.36
CA GLN B 149 15.15 52.13 -22.68
C GLN B 149 13.98 51.17 -22.90
N ALA B 150 13.84 50.64 -24.11
CA ALA B 150 12.77 49.67 -24.31
C ALA B 150 13.00 48.60 -23.25
N HIS B 151 14.16 47.97 -23.29
CA HIS B 151 14.50 46.94 -22.33
C HIS B 151 14.51 47.39 -20.85
N ARG B 152 14.78 48.66 -20.59
CA ARG B 152 14.78 49.13 -19.20
C ARG B 152 13.33 49.12 -18.73
N ASP B 153 12.43 49.55 -19.59
CA ASP B 153 11.01 49.59 -19.24
C ASP B 153 10.44 48.18 -19.03
N LYS B 154 10.64 47.31 -20.02
CA LYS B 154 10.16 45.95 -19.93
C LYS B 154 10.63 45.32 -18.62
N TYR B 155 11.89 45.55 -18.28
CA TYR B 155 12.48 45.01 -17.04
C TYR B 155 11.84 45.58 -15.77
N GLU B 156 11.66 46.89 -15.71
CA GLU B 156 11.09 47.47 -14.51
C GLU B 156 9.63 47.06 -14.31
N LYS B 157 8.88 46.97 -15.41
CA LYS B 157 7.49 46.56 -15.33
C LYS B 157 7.43 45.14 -14.74
N LEU B 158 8.08 44.19 -15.39
CA LEU B 158 8.10 42.81 -14.92
C LEU B 158 8.58 42.73 -13.46
N ARG B 159 9.50 43.60 -13.09
CA ARG B 159 9.99 43.59 -11.72
C ARG B 159 8.85 43.98 -10.77
N GLY B 160 7.98 44.87 -11.24
CA GLY B 160 6.87 45.31 -10.43
C GLY B 160 5.85 44.21 -10.28
N ASP B 161 5.49 43.57 -11.40
CA ASP B 161 4.53 42.49 -11.40
C ASP B 161 4.99 41.39 -10.43
N VAL B 162 6.26 41.00 -10.51
CA VAL B 162 6.80 39.95 -9.64
C VAL B 162 6.57 40.24 -8.16
N ALA B 163 6.87 41.46 -7.74
CA ALA B 163 6.70 41.83 -6.35
C ALA B 163 5.23 41.77 -5.92
N ILE B 164 4.33 42.22 -6.79
CA ILE B 164 2.91 42.20 -6.47
C ILE B 164 2.51 40.73 -6.34
N LYS B 165 2.73 39.99 -7.41
CA LYS B 165 2.39 38.58 -7.46
C LYS B 165 2.94 37.77 -6.27
N LEU B 166 4.24 37.89 -5.98
CA LEU B 166 4.81 37.16 -4.86
C LEU B 166 4.06 37.40 -3.55
N LYS B 167 3.52 38.61 -3.38
CA LYS B 167 2.79 38.96 -2.17
C LYS B 167 1.41 38.30 -2.15
N PHE B 168 0.74 38.24 -3.30
CA PHE B 168 -0.57 37.62 -3.33
C PHE B 168 -0.41 36.13 -3.16
N LEU B 169 0.58 35.55 -3.83
CA LEU B 169 0.83 34.11 -3.73
C LEU B 169 1.00 33.71 -2.28
N GLU B 170 1.95 34.34 -1.61
CA GLU B 170 2.21 34.04 -0.21
C GLU B 170 0.92 34.08 0.59
N GLU B 171 0.10 35.11 0.39
CA GLU B 171 -1.16 35.21 1.11
C GLU B 171 -2.00 33.98 0.78
N ASN B 172 -2.06 33.64 -0.50
CA ASN B 172 -2.84 32.50 -0.99
C ASN B 172 -2.31 31.17 -0.47
N LYS B 173 -0.98 31.06 -0.43
CA LYS B 173 -0.34 29.85 0.05
C LYS B 173 -0.83 29.54 1.45
N ILE B 174 -0.73 30.54 2.32
CA ILE B 174 -1.16 30.40 3.72
C ILE B 174 -2.64 30.05 3.81
N LYS B 175 -3.48 30.76 3.08
CA LYS B 175 -4.91 30.49 3.10
C LYS B 175 -5.19 29.04 2.67
N VAL B 176 -4.64 28.62 1.53
CA VAL B 176 -4.84 27.27 1.02
C VAL B 176 -4.21 26.18 1.88
N MET B 177 -2.95 26.36 2.26
CA MET B 177 -2.28 25.37 3.09
C MET B 177 -2.80 25.30 4.49
N HIS B 178 -3.68 26.22 4.86
CA HIS B 178 -4.23 26.19 6.22
C HIS B 178 -5.54 25.40 6.23
N LYS B 179 -6.41 25.68 5.28
CA LYS B 179 -7.67 24.96 5.18
C LYS B 179 -7.44 23.46 4.88
N GLN B 180 -6.51 23.18 3.96
CA GLN B 180 -6.22 21.80 3.58
C GLN B 180 -5.42 21.04 4.62
N LEU B 181 -4.43 21.69 5.21
CA LEU B 181 -3.59 21.02 6.20
C LEU B 181 -4.42 20.70 7.43
N LEU B 182 -5.59 21.32 7.50
CA LEU B 182 -6.54 21.17 8.59
C LEU B 182 -7.48 20.01 8.29
N LEU B 183 -8.24 20.12 7.20
CA LEU B 183 -9.16 19.06 6.80
C LEU B 183 -8.43 17.72 6.81
N PHE B 184 -7.17 17.73 6.38
CA PHE B 184 -6.40 16.52 6.34
C PHE B 184 -6.18 15.91 7.71
N HIS B 185 -5.68 16.71 8.64
CA HIS B 185 -5.43 16.19 9.97
C HIS B 185 -6.74 15.76 10.62
N ASN B 186 -7.85 16.40 10.24
CA ASN B 186 -9.14 16.01 10.81
C ASN B 186 -9.54 14.67 10.23
N ALA B 187 -9.57 14.60 8.91
CA ALA B 187 -9.93 13.36 8.23
C ALA B 187 -9.19 12.17 8.86
N VAL B 188 -7.87 12.32 8.99
CA VAL B 188 -7.03 11.29 9.57
C VAL B 188 -7.52 10.92 10.94
N SER B 189 -7.75 11.91 11.80
CA SER B 189 -8.21 11.62 13.16
C SER B 189 -9.66 11.13 13.17
N ALA B 190 -10.48 11.64 12.25
CA ALA B 190 -11.88 11.23 12.16
C ALA B 190 -11.97 9.74 11.82
N TYR B 191 -11.01 9.25 11.05
CA TYR B 191 -10.96 7.85 10.67
C TYR B 191 -10.89 7.04 11.97
N PHE B 192 -9.86 7.31 12.77
CA PHE B 192 -9.69 6.59 14.02
C PHE B 192 -10.83 6.84 15.03
N ALA B 193 -11.49 7.99 14.92
CA ALA B 193 -12.58 8.34 15.82
C ALA B 193 -13.86 7.58 15.46
N GLY B 194 -14.47 7.95 14.33
CA GLY B 194 -15.68 7.29 13.89
C GLY B 194 -15.39 5.80 13.70
N ASN B 195 -14.18 5.45 14.09
CA ASN B 195 -13.67 4.09 14.03
C ASN B 195 -14.19 3.31 15.24
N GLN B 196 -13.63 3.61 16.41
CA GLN B 196 -14.02 2.94 17.65
C GLN B 196 -15.53 3.00 17.90
N LYS B 197 -16.20 3.99 17.30
CA LYS B 197 -17.64 4.15 17.49
C LYS B 197 -18.48 2.95 17.07
N GLN B 198 -18.02 2.19 16.08
CA GLN B 198 -18.75 1.02 15.62
C GLN B 198 -17.96 -0.24 15.97
N LEU B 199 -16.64 -0.08 16.06
CA LEU B 199 -15.72 -1.17 16.38
C LEU B 199 -15.74 -1.44 17.88
N GLU B 200 -15.47 -0.39 18.65
CA GLU B 200 -15.45 -0.45 20.11
C GLU B 200 -16.86 -0.75 20.61
N GLN B 201 -17.84 -0.50 19.74
CA GLN B 201 -19.25 -0.74 20.06
C GLN B 201 -19.59 -2.24 19.99
N THR B 202 -19.14 -2.92 18.96
CA THR B 202 -19.40 -4.36 18.82
C THR B 202 -18.36 -5.13 19.61
#